data_2ZQP
#
_entry.id   2ZQP
#
_cell.length_a   91.876
_cell.length_b   91.876
_cell.length_c   240.560
_cell.angle_alpha   90.00
_cell.angle_beta   90.00
_cell.angle_gamma   90.00
#
_symmetry.space_group_name_H-M   'P 43 2 2'
#
loop_
_entity.id
_entity.type
_entity.pdbx_description
1 polymer 'Preprotein translocase SecY subunit'
2 polymer 'Preprotein translocase SecE subunit'
#
loop_
_entity_poly.entity_id
_entity_poly.type
_entity_poly.pdbx_seq_one_letter_code
_entity_poly.pdbx_strand_id
1 'polypeptide(L)'
;MVKAFWSALQIPELRQRVLFTLLVLAAYRLGAFIPTPGVDLDKIQEFLRTAQGGVFGIINLFSGGNFERFSIFALGIMPY
ITAAIIMQILVTVVPALEKLSKEGEEGRRIINQYTRIGGIALGAFQGFFLATAFLGAEGGRFLLPGWSPGPFFWFVVVVT
QVAGIALLLWMAERITEYGIGNGTSLIIFAGIVVEWLPQILRTIGLIRTGEVNLVAFLFFLAFIVLAFAGMAAVQQAERR
IPVQYARKVVGGRVYGGQATYIPIKLNAAGVIPIIFAAAILQIPIFLAAPFQDNPVLQGIANFFNPTRPSGLFIEVLLVI
LFTYVYTAVQFDPKRIAESLREYGGFIPGIRPGEPTVKFLEHIVSRLTLWGALFLGLVTLLPQIIQNLTGIHSIAFSGIG
LLIVVGVALDTLRQVESQLMLRSYEGFLSRGRLR
;
Y
2 'polypeptide(L)' MFARLIRYFQEARAELARVTWPTREQVVEGTQAILLFTLAFMVILGLYDTVFRFLIGLLR E
#
# COMPACT_ATOMS: atom_id res chain seq x y z
N MET A 1 12.70 12.42 12.84
CA MET A 1 12.70 13.03 11.49
C MET A 1 11.78 14.25 11.43
N VAL A 2 11.63 14.96 12.55
CA VAL A 2 10.70 16.09 12.65
C VAL A 2 11.32 17.49 12.45
N LYS A 3 12.50 17.75 13.02
CA LYS A 3 13.22 19.03 12.83
C LYS A 3 14.04 19.02 11.53
N ALA A 4 14.44 17.82 11.11
CA ALA A 4 15.24 17.61 9.91
C ALA A 4 14.41 17.69 8.62
N PHE A 5 13.24 17.06 8.61
CA PHE A 5 12.28 17.15 7.49
C PHE A 5 11.97 18.60 7.15
N TRP A 6 11.97 19.43 8.19
CA TRP A 6 11.82 20.88 8.08
C TRP A 6 13.03 21.50 7.37
N SER A 7 14.24 21.12 7.80
CA SER A 7 15.46 21.61 7.16
C SER A 7 15.77 20.87 5.85
N ALA A 8 15.03 19.78 5.60
CA ALA A 8 15.07 19.08 4.31
C ALA A 8 14.19 19.82 3.32
N LEU A 9 13.21 20.54 3.86
CA LEU A 9 12.39 21.45 3.09
C LEU A 9 13.16 22.74 2.79
N GLN A 10 14.26 22.95 3.50
CA GLN A 10 15.13 24.11 3.30
C GLN A 10 16.16 23.86 2.17
N ILE A 11 15.89 22.83 1.35
CA ILE A 11 16.72 22.48 0.19
C ILE A 11 15.90 22.54 -1.11
N PRO A 12 16.03 23.66 -1.86
CA PRO A 12 15.23 24.03 -3.04
C PRO A 12 15.27 23.10 -4.27
N GLU A 13 15.70 21.85 -4.08
CA GLU A 13 15.41 20.81 -5.07
C GLU A 13 14.55 19.73 -4.42
N LEU A 14 14.91 19.38 -3.20
CA LEU A 14 14.13 18.44 -2.41
C LEU A 14 12.75 19.04 -2.10
N ARG A 15 12.77 20.31 -1.67
CA ARG A 15 11.56 21.11 -1.45
C ARG A 15 10.69 21.15 -2.69
N GLN A 16 11.31 21.52 -3.81
CA GLN A 16 10.63 21.72 -5.08
C GLN A 16 9.77 20.51 -5.42
N ARG A 17 10.39 19.35 -5.41
CA ARG A 17 9.78 18.13 -5.90
C ARG A 17 8.50 17.73 -5.12
N VAL A 18 8.43 18.08 -3.85
CA VAL A 18 7.25 17.75 -3.02
C VAL A 18 6.00 18.60 -3.36
N LEU A 19 6.19 19.62 -4.19
CA LEU A 19 5.07 20.39 -4.70
C LEU A 19 4.48 19.80 -6.01
N PHE A 20 5.29 19.52 -7.03
CA PHE A 20 4.77 18.90 -8.28
C PHE A 20 3.92 17.68 -7.93
N THR A 21 4.28 17.03 -6.82
CA THR A 21 3.48 15.95 -6.25
C THR A 21 2.10 16.47 -5.88
N LEU A 22 2.05 17.62 -5.22
CA LEU A 22 0.78 18.26 -4.92
C LEU A 22 0.00 18.54 -6.22
N LEU A 23 0.68 18.98 -7.28
CA LEU A 23 0.03 19.35 -8.55
C LEU A 23 -0.83 18.21 -9.08
N VAL A 24 -0.26 17.02 -9.06
CA VAL A 24 -0.99 15.80 -9.36
C VAL A 24 -1.99 15.53 -8.25
N LEU A 25 -1.51 15.49 -6.99
CA LEU A 25 -2.36 15.22 -5.82
C LEU A 25 -3.71 15.91 -5.96
N ALA A 26 -3.65 17.22 -6.22
CA ALA A 26 -4.85 18.02 -6.44
C ALA A 26 -5.68 17.39 -7.52
N ALA A 27 -5.15 17.44 -8.75
CA ALA A 27 -5.80 16.85 -9.91
C ALA A 27 -6.24 15.41 -9.64
N TYR A 28 -5.57 14.77 -8.70
CA TYR A 28 -5.82 13.38 -8.37
C TYR A 28 -7.01 13.24 -7.43
N ARG A 29 -7.04 14.08 -6.40
CA ARG A 29 -8.22 14.19 -5.55
C ARG A 29 -9.36 14.76 -6.38
N LEU A 30 -9.01 15.47 -7.45
CA LEU A 30 -9.98 15.96 -8.42
C LEU A 30 -10.60 14.79 -9.17
N GLY A 31 -9.74 13.99 -9.80
CA GLY A 31 -10.19 12.78 -10.47
C GLY A 31 -10.97 11.92 -9.50
N ALA A 32 -10.74 12.16 -8.22
CA ALA A 32 -11.44 11.46 -7.17
C ALA A 32 -12.91 11.90 -6.99
N PHE A 33 -13.42 12.73 -7.91
CA PHE A 33 -14.79 13.24 -7.81
C PHE A 33 -15.68 12.98 -9.02
N ILE A 34 -15.06 12.47 -10.09
CA ILE A 34 -15.67 12.48 -11.43
C ILE A 34 -16.56 11.27 -11.75
N PRO A 35 -17.90 11.47 -11.77
CA PRO A 35 -18.89 10.45 -12.12
C PRO A 35 -18.72 9.75 -13.47
N THR A 36 -19.72 8.97 -13.85
CA THR A 36 -19.74 8.29 -15.13
C THR A 36 -20.85 8.91 -16.00
N PRO A 37 -20.50 9.35 -17.23
CA PRO A 37 -21.37 10.01 -18.23
C PRO A 37 -22.70 9.33 -18.52
N GLY A 38 -22.99 8.26 -17.79
CA GLY A 38 -24.23 7.50 -17.96
C GLY A 38 -24.75 6.85 -16.68
N VAL A 39 -23.88 6.68 -15.69
CA VAL A 39 -24.33 6.18 -14.41
C VAL A 39 -25.01 7.34 -13.69
N ASP A 40 -26.29 7.15 -13.33
CA ASP A 40 -26.91 7.99 -12.33
C ASP A 40 -25.91 7.82 -11.21
N LEU A 41 -24.86 8.63 -11.25
CA LEU A 41 -23.84 8.62 -10.22
C LEU A 41 -24.71 8.48 -9.02
N ASP A 42 -25.76 9.27 -9.12
CA ASP A 42 -26.86 9.34 -8.21
C ASP A 42 -27.61 7.99 -7.97
N LYS A 43 -27.40 6.98 -8.82
CA LYS A 43 -27.92 5.65 -8.50
C LYS A 43 -26.85 4.53 -8.53
N ILE A 44 -25.59 4.85 -8.24
CA ILE A 44 -24.49 3.85 -8.14
C ILE A 44 -24.01 3.41 -6.70
N GLN A 45 -23.67 4.38 -5.85
CA GLN A 45 -23.10 4.19 -4.48
C GLN A 45 -23.78 3.18 -3.54
N GLU A 46 -24.60 3.65 -2.59
CA GLU A 46 -25.17 2.82 -1.50
C GLU A 46 -25.70 1.44 -1.88
N PHE A 47 -25.67 1.06 -3.16
CA PHE A 47 -25.76 -0.36 -3.43
C PHE A 47 -24.41 -0.89 -3.04
N LEU A 48 -23.39 -0.13 -3.44
CA LEU A 48 -22.02 -0.40 -3.05
C LEU A 48 -21.79 0.00 -1.58
N ARG A 49 -22.77 0.65 -0.96
CA ARG A 49 -22.70 1.02 0.49
C ARG A 49 -23.47 0.06 1.39
N THR A 50 -23.35 -1.23 1.11
CA THR A 50 -24.23 -2.23 1.69
C THR A 50 -23.47 -3.50 2.01
N ALA A 51 -23.99 -4.34 2.90
CA ALA A 51 -23.37 -5.66 3.16
C ALA A 51 -23.57 -6.61 1.97
N GLN A 52 -23.52 -6.02 0.77
CA GLN A 52 -23.93 -6.64 -0.49
C GLN A 52 -23.21 -5.97 -1.65
N GLY A 53 -22.94 -4.68 -1.47
CA GLY A 53 -22.08 -3.91 -2.35
C GLY A 53 -20.94 -3.33 -1.54
N GLY A 54 -21.09 -3.32 -0.22
CA GLY A 54 -20.01 -2.95 0.69
C GLY A 54 -19.01 -4.09 0.80
N VAL A 55 -19.31 -5.20 0.15
CA VAL A 55 -18.33 -6.24 -0.10
C VAL A 55 -17.31 -5.66 -1.09
N PHE A 56 -17.79 -4.72 -1.91
CA PHE A 56 -16.90 -3.87 -2.69
C PHE A 56 -16.07 -3.04 -1.73
N GLY A 57 -16.31 -3.21 -0.43
CA GLY A 57 -15.67 -2.42 0.63
C GLY A 57 -14.18 -2.13 0.48
N ILE A 58 -13.45 -3.06 -0.12
CA ILE A 58 -12.00 -2.92 -0.25
C ILE A 58 -11.59 -2.04 -1.43
N ILE A 59 -12.33 -2.13 -2.54
CA ILE A 59 -12.01 -1.36 -3.76
C ILE A 59 -12.24 0.14 -3.59
N ASN A 60 -13.35 0.50 -2.94
CA ASN A 60 -13.61 1.89 -2.60
C ASN A 60 -12.41 2.52 -1.90
N LEU A 61 -11.93 1.83 -0.87
CA LEU A 61 -10.84 2.30 -0.03
C LEU A 61 -9.59 2.68 -0.82
N PHE A 62 -8.92 1.68 -1.37
CA PHE A 62 -7.62 1.86 -2.01
C PHE A 62 -7.68 2.85 -3.17
N SER A 63 -8.77 2.80 -3.92
CA SER A 63 -9.01 3.74 -5.00
C SER A 63 -9.15 5.15 -4.44
N GLY A 64 -9.89 5.26 -3.33
CA GLY A 64 -10.03 6.54 -2.62
C GLY A 64 -11.44 7.08 -2.49
N GLY A 65 -12.36 6.24 -2.03
CA GLY A 65 -13.79 6.58 -1.98
C GLY A 65 -14.37 6.65 -3.37
N ASN A 66 -13.48 6.62 -4.36
CA ASN A 66 -13.78 6.78 -5.77
C ASN A 66 -14.69 5.72 -6.37
N PHE A 67 -14.70 4.53 -5.77
CA PHE A 67 -15.46 3.39 -6.29
C PHE A 67 -16.96 3.51 -6.04
N GLU A 68 -17.31 3.95 -4.83
CA GLU A 68 -18.69 4.07 -4.39
C GLU A 68 -19.45 5.06 -5.29
N ARG A 69 -18.93 6.27 -5.40
CA ARG A 69 -19.42 7.28 -6.36
C ARG A 69 -19.17 6.85 -7.81
N PHE A 70 -18.33 5.82 -7.97
CA PHE A 70 -17.93 5.27 -9.27
C PHE A 70 -17.18 6.27 -10.15
N SER A 71 -16.24 6.98 -9.52
CA SER A 71 -15.48 8.03 -10.19
C SER A 71 -14.62 7.45 -11.30
N ILE A 72 -13.95 8.32 -12.05
CA ILE A 72 -13.02 7.85 -13.07
C ILE A 72 -11.82 7.16 -12.38
N PHE A 73 -11.61 7.47 -11.11
CA PHE A 73 -10.67 6.70 -10.28
C PHE A 73 -11.39 5.59 -9.53
N ALA A 74 -12.59 5.24 -9.98
CA ALA A 74 -13.41 4.20 -9.32
C ALA A 74 -12.62 2.95 -8.98
N LEU A 75 -12.05 2.32 -9.99
CA LEU A 75 -11.18 1.16 -9.80
C LEU A 75 -9.86 1.62 -9.18
N GLY A 76 -9.59 2.92 -9.25
CA GLY A 76 -8.39 3.51 -8.70
C GLY A 76 -7.20 3.26 -9.58
N ILE A 77 -6.15 2.72 -8.97
CA ILE A 77 -4.89 2.42 -9.64
C ILE A 77 -4.61 0.90 -9.51
N MET A 78 -5.70 0.13 -9.47
CA MET A 78 -5.63 -1.32 -9.27
C MET A 78 -5.01 -2.08 -10.43
N PRO A 79 -5.69 -2.16 -11.60
CA PRO A 79 -5.31 -3.06 -12.71
C PRO A 79 -3.91 -2.85 -13.32
N TYR A 80 -2.93 -2.54 -12.47
CA TYR A 80 -1.51 -2.59 -12.83
C TYR A 80 -0.74 -3.40 -11.77
N ILE A 81 -1.36 -3.63 -10.61
CA ILE A 81 -0.71 -4.34 -9.48
C ILE A 81 -1.11 -5.81 -9.35
N THR A 82 -2.28 -6.15 -9.85
CA THR A 82 -2.69 -7.54 -10.01
C THR A 82 -2.06 -8.10 -11.29
N ALA A 83 -1.32 -7.24 -12.00
CA ALA A 83 -0.41 -7.69 -13.07
C ALA A 83 1.05 -7.55 -12.61
N ALA A 84 1.22 -7.27 -11.32
CA ALA A 84 2.55 -7.17 -10.68
C ALA A 84 2.92 -8.44 -9.91
N ILE A 85 1.96 -9.36 -9.76
CA ILE A 85 2.24 -10.69 -9.22
C ILE A 85 2.34 -11.75 -10.33
N ILE A 86 1.37 -11.80 -11.24
CA ILE A 86 1.42 -12.65 -12.43
C ILE A 86 2.70 -12.40 -13.23
N MET A 87 3.20 -11.16 -13.16
CA MET A 87 4.51 -10.81 -13.73
C MET A 87 5.63 -11.22 -12.78
N GLN A 88 5.45 -10.98 -11.48
CA GLN A 88 6.37 -11.54 -10.49
C GLN A 88 6.28 -13.06 -10.52
N ILE A 89 5.23 -13.58 -11.14
CA ILE A 89 5.15 -15.02 -11.47
C ILE A 89 5.80 -15.28 -12.85
N LEU A 90 5.75 -14.29 -13.75
CA LEU A 90 6.43 -14.38 -15.06
C LEU A 90 7.88 -13.87 -15.01
N VAL A 91 8.44 -13.76 -13.80
CA VAL A 91 9.82 -13.28 -13.59
C VAL A 91 10.87 -14.35 -13.23
N THR A 92 10.44 -15.42 -12.55
CA THR A 92 11.36 -16.52 -12.16
C THR A 92 11.24 -17.78 -13.06
N VAL A 93 10.04 -18.00 -13.64
CA VAL A 93 9.84 -19.07 -14.64
C VAL A 93 10.33 -18.63 -16.02
N VAL A 94 10.44 -17.31 -16.21
CA VAL A 94 11.06 -16.72 -17.40
C VAL A 94 12.42 -16.15 -17.00
N PRO A 95 13.48 -16.99 -16.99
CA PRO A 95 14.79 -16.61 -16.43
C PRO A 95 15.62 -15.76 -17.38
N ALA A 96 15.09 -14.59 -17.72
CA ALA A 96 15.74 -13.63 -18.60
C ALA A 96 15.12 -12.24 -18.42
N LEU A 97 13.94 -12.19 -17.82
CA LEU A 97 13.22 -10.92 -17.62
C LEU A 97 13.93 -10.06 -16.57
N GLU A 98 14.56 -10.70 -15.60
CA GLU A 98 15.46 -10.03 -14.66
C GLU A 98 16.76 -9.65 -15.36
N LYS A 99 17.31 -10.57 -16.15
CA LYS A 99 18.53 -10.33 -16.94
C LYS A 99 18.33 -9.13 -17.86
N LEU A 100 17.09 -8.96 -18.31
CA LEU A 100 16.66 -7.75 -19.01
C LEU A 100 16.60 -6.63 -17.98
N SER A 101 15.89 -6.88 -16.88
CA SER A 101 15.66 -5.89 -15.84
C SER A 101 16.90 -5.41 -15.07
N LYS A 102 17.93 -6.25 -14.97
CA LYS A 102 19.07 -5.97 -14.08
C LYS A 102 20.39 -5.58 -14.77
N GLU A 103 20.50 -5.82 -16.08
CA GLU A 103 21.65 -5.36 -16.86
C GLU A 103 21.42 -3.89 -17.26
N GLY A 104 21.28 -3.03 -16.24
CA GLY A 104 20.82 -1.65 -16.44
C GLY A 104 19.32 -1.54 -16.26
N GLU A 105 18.85 -0.37 -15.80
CA GLU A 105 17.42 -0.15 -15.53
C GLU A 105 16.56 -0.08 -16.81
N GLU A 106 17.22 -0.01 -17.96
CA GLU A 106 16.53 0.07 -19.27
C GLU A 106 16.22 -1.33 -19.84
N GLY A 107 16.02 -2.30 -18.94
CA GLY A 107 15.51 -3.63 -19.30
C GLY A 107 14.35 -4.02 -18.39
N ARG A 108 13.88 -3.02 -17.63
CA ARG A 108 12.71 -3.13 -16.77
C ARG A 108 11.66 -2.07 -17.22
N ARG A 109 12.06 -1.22 -18.17
CA ARG A 109 11.16 -0.31 -18.88
C ARG A 109 10.16 -1.11 -19.72
N ILE A 110 10.67 -1.96 -20.62
CA ILE A 110 9.86 -2.94 -21.38
C ILE A 110 8.89 -3.65 -20.42
N ILE A 111 9.44 -4.21 -19.35
CA ILE A 111 8.64 -4.80 -18.28
C ILE A 111 7.54 -3.82 -17.88
N ASN A 112 7.95 -2.65 -17.38
CA ASN A 112 7.00 -1.60 -16.97
C ASN A 112 5.99 -1.23 -18.07
N GLN A 113 6.45 -1.22 -19.33
CA GLN A 113 5.64 -0.77 -20.46
C GLN A 113 4.63 -1.80 -20.95
N TYR A 114 5.03 -3.08 -20.95
CA TYR A 114 4.09 -4.16 -21.25
C TYR A 114 3.12 -4.35 -20.08
N THR A 115 3.60 -4.08 -18.87
CA THR A 115 2.78 -4.07 -17.66
C THR A 115 1.74 -2.95 -17.75
N ARG A 116 2.09 -1.89 -18.47
CA ARG A 116 1.23 -0.71 -18.58
C ARG A 116 0.12 -0.90 -19.61
N ILE A 117 0.45 -1.44 -20.77
CA ILE A 117 -0.54 -1.67 -21.83
C ILE A 117 -1.50 -2.78 -21.41
N GLY A 118 -0.96 -3.82 -20.76
CA GLY A 118 -1.77 -4.79 -20.05
C GLY A 118 -2.54 -4.10 -18.95
N GLY A 119 -1.88 -3.19 -18.25
CA GLY A 119 -2.48 -2.38 -17.19
C GLY A 119 -3.55 -1.42 -17.68
N ILE A 120 -3.66 -1.30 -19.01
CA ILE A 120 -4.78 -0.60 -19.65
C ILE A 120 -5.84 -1.63 -20.07
N ALA A 121 -5.38 -2.81 -20.48
CA ALA A 121 -6.26 -3.90 -20.91
C ALA A 121 -7.05 -4.51 -19.76
N LEU A 122 -6.38 -4.80 -18.65
CA LEU A 122 -7.03 -5.31 -17.43
C LEU A 122 -8.15 -4.38 -16.99
N GLY A 123 -7.84 -3.09 -16.95
CA GLY A 123 -8.78 -2.03 -16.55
C GLY A 123 -9.82 -1.74 -17.62
N ALA A 124 -9.72 -2.47 -18.72
CA ALA A 124 -10.77 -2.50 -19.71
C ALA A 124 -11.60 -3.79 -19.55
N PHE A 125 -11.10 -4.72 -18.73
CA PHE A 125 -11.81 -5.97 -18.44
C PHE A 125 -12.59 -5.94 -17.12
N GLN A 126 -12.00 -5.31 -16.10
CA GLN A 126 -12.61 -5.17 -14.78
C GLN A 126 -13.81 -4.22 -14.80
N GLY A 127 -13.91 -3.45 -15.87
CA GLY A 127 -15.09 -2.64 -16.16
C GLY A 127 -16.03 -3.41 -17.09
N PHE A 128 -15.44 -4.19 -18.00
CA PHE A 128 -16.18 -5.08 -18.91
C PHE A 128 -17.01 -6.10 -18.13
N PHE A 129 -16.76 -6.18 -16.83
CA PHE A 129 -17.45 -7.12 -15.99
C PHE A 129 -18.48 -6.48 -15.06
N LEU A 130 -18.12 -5.38 -14.42
CA LEU A 130 -19.02 -4.68 -13.50
C LEU A 130 -20.25 -4.13 -14.23
N ALA A 131 -20.15 -4.07 -15.55
CA ALA A 131 -21.27 -3.68 -16.40
C ALA A 131 -22.16 -4.88 -16.74
N THR A 132 -21.53 -5.96 -17.24
CA THR A 132 -22.21 -7.17 -17.75
C THR A 132 -23.10 -7.89 -16.74
N ALA A 133 -22.92 -7.59 -15.46
CA ALA A 133 -23.62 -8.31 -14.40
C ALA A 133 -24.22 -7.42 -13.32
N PHE A 134 -23.59 -6.26 -13.08
CA PHE A 134 -23.97 -5.44 -11.94
C PHE A 134 -24.92 -4.30 -12.30
N LEU A 135 -24.39 -3.25 -12.92
CA LEU A 135 -25.20 -2.09 -13.24
C LEU A 135 -26.25 -2.46 -14.26
N GLY A 136 -25.80 -3.11 -15.33
CA GLY A 136 -26.66 -3.43 -16.46
C GLY A 136 -27.79 -4.39 -16.17
N ALA A 137 -27.42 -5.61 -15.76
CA ALA A 137 -28.36 -6.74 -15.67
C ALA A 137 -29.68 -6.42 -14.96
N GLU A 138 -29.61 -5.48 -14.03
CA GLU A 138 -30.77 -5.07 -13.25
C GLU A 138 -31.77 -4.26 -14.08
N GLY A 139 -31.24 -3.51 -15.05
CA GLY A 139 -32.05 -2.61 -15.89
C GLY A 139 -31.55 -1.18 -15.80
N GLY A 140 -32.49 -0.23 -15.72
CA GLY A 140 -32.16 1.18 -15.48
C GLY A 140 -32.14 1.47 -14.00
N ARG A 141 -31.54 0.55 -13.24
CA ARG A 141 -31.45 0.62 -11.79
C ARG A 141 -30.49 1.72 -11.32
N PHE A 142 -29.25 1.64 -11.79
CA PHE A 142 -28.17 2.53 -11.38
C PHE A 142 -27.99 3.73 -12.31
N LEU A 143 -28.85 3.80 -13.33
CA LEU A 143 -28.54 4.53 -14.57
C LEU A 143 -29.33 5.79 -14.85
N LEU A 144 -28.87 6.56 -15.85
CA LEU A 144 -29.56 7.74 -16.36
C LEU A 144 -30.82 7.38 -17.17
N PRO A 145 -31.80 8.30 -17.24
CA PRO A 145 -32.93 8.16 -18.19
C PRO A 145 -32.51 8.29 -19.66
N GLY A 146 -33.16 7.51 -20.53
CA GLY A 146 -32.91 7.56 -21.97
C GLY A 146 -31.81 6.61 -22.39
N TRP A 147 -30.65 6.73 -21.74
CA TRP A 147 -29.50 5.85 -21.98
C TRP A 147 -29.88 4.36 -22.00
N SER A 148 -29.14 3.58 -22.78
CA SER A 148 -29.42 2.15 -22.98
C SER A 148 -28.52 1.29 -22.10
N PRO A 149 -29.11 0.37 -21.32
CA PRO A 149 -28.34 -0.60 -20.51
C PRO A 149 -27.59 -1.59 -21.40
N GLY A 150 -27.48 -1.23 -22.68
CA GLY A 150 -26.72 -1.99 -23.66
C GLY A 150 -25.45 -1.27 -24.08
N PRO A 151 -25.01 -1.46 -25.34
CA PRO A 151 -23.64 -1.24 -25.83
C PRO A 151 -23.10 0.18 -25.75
N PHE A 152 -23.96 1.17 -26.02
CA PHE A 152 -23.55 2.57 -26.08
C PHE A 152 -23.22 3.17 -24.72
N PHE A 153 -24.01 2.85 -23.70
CA PHE A 153 -23.63 3.18 -22.33
C PHE A 153 -22.40 2.37 -21.91
N TRP A 154 -22.45 1.06 -22.21
CA TRP A 154 -21.32 0.15 -21.95
C TRP A 154 -20.05 0.69 -22.61
N PHE A 155 -20.23 1.52 -23.63
CA PHE A 155 -19.11 2.13 -24.33
C PHE A 155 -18.72 3.52 -23.79
N VAL A 156 -19.67 4.23 -23.17
CA VAL A 156 -19.37 5.54 -22.56
C VAL A 156 -18.73 5.38 -21.19
N VAL A 157 -18.67 4.14 -20.71
CA VAL A 157 -18.08 3.79 -19.40
C VAL A 157 -16.68 3.17 -19.55
N VAL A 158 -16.49 2.40 -20.63
CA VAL A 158 -15.18 1.78 -20.94
C VAL A 158 -14.09 2.85 -21.10
N VAL A 159 -14.44 3.97 -21.73
CA VAL A 159 -13.52 5.11 -21.87
C VAL A 159 -13.50 6.02 -20.63
N THR A 160 -14.48 5.86 -19.74
CA THR A 160 -14.54 6.60 -18.46
C THR A 160 -13.48 6.12 -17.46
N GLN A 161 -13.13 4.84 -17.56
CA GLN A 161 -12.15 4.24 -16.66
C GLN A 161 -10.84 3.84 -17.36
N VAL A 162 -10.77 3.99 -18.69
CA VAL A 162 -9.53 3.74 -19.51
C VAL A 162 -8.75 5.03 -19.85
N ALA A 163 -9.40 6.17 -19.63
CA ALA A 163 -8.71 7.42 -19.50
C ALA A 163 -8.91 7.87 -18.05
N GLY A 164 -9.37 6.94 -17.23
CA GLY A 164 -9.61 7.15 -15.80
C GLY A 164 -8.70 6.29 -14.95
N ILE A 165 -8.32 5.12 -15.46
CA ILE A 165 -7.26 4.34 -14.85
C ILE A 165 -5.93 4.65 -15.54
N ALA A 166 -6.00 5.10 -16.80
CA ALA A 166 -4.82 5.55 -17.54
C ALA A 166 -4.30 6.86 -16.96
N LEU A 167 -5.23 7.66 -16.41
CA LEU A 167 -4.92 8.95 -15.81
C LEU A 167 -4.17 8.81 -14.48
N LEU A 168 -4.70 7.97 -13.59
CA LEU A 168 -4.09 7.69 -12.29
C LEU A 168 -2.75 6.94 -12.46
N LEU A 169 -2.70 6.08 -13.48
CA LEU A 169 -1.47 5.42 -13.92
C LEU A 169 -0.41 6.46 -14.28
N TRP A 170 -0.78 7.34 -15.21
CA TRP A 170 0.05 8.44 -15.69
C TRP A 170 0.57 9.30 -14.55
N MET A 171 -0.31 9.59 -13.58
CA MET A 171 0.03 10.40 -12.40
C MET A 171 1.27 9.87 -11.70
N ALA A 172 1.49 8.56 -11.85
CA ALA A 172 2.69 7.91 -11.35
C ALA A 172 3.83 8.09 -12.34
N GLU A 173 3.51 8.00 -13.62
CA GLU A 173 4.53 8.06 -14.68
C GLU A 173 5.09 9.46 -14.97
N ARG A 174 4.56 10.47 -14.27
CA ARG A 174 5.02 11.85 -14.48
C ARG A 174 5.50 12.56 -13.23
N ILE A 175 5.07 12.06 -12.07
CA ILE A 175 5.69 12.45 -10.81
C ILE A 175 7.04 11.74 -10.71
N THR A 176 7.06 10.45 -11.05
CA THR A 176 8.28 9.62 -11.02
C THR A 176 9.30 10.07 -12.06
N GLU A 177 8.80 10.64 -13.15
CA GLU A 177 9.62 11.09 -14.27
C GLU A 177 10.33 12.43 -14.01
N TYR A 178 9.57 13.44 -13.58
CA TYR A 178 10.16 14.79 -13.42
C TYR A 178 9.92 15.49 -12.08
N GLY A 179 9.03 14.93 -11.26
CA GLY A 179 8.82 15.42 -9.90
C GLY A 179 9.66 14.61 -8.91
N ILE A 180 9.13 14.40 -7.71
CA ILE A 180 9.76 13.50 -6.74
C ILE A 180 9.38 12.05 -6.94
N GLY A 181 10.19 11.18 -6.33
CA GLY A 181 9.89 9.78 -6.02
C GLY A 181 8.93 8.95 -6.86
N ASN A 182 8.23 8.04 -6.20
CA ASN A 182 7.32 7.10 -6.86
C ASN A 182 5.87 7.49 -6.64
N GLY A 183 5.28 8.08 -7.67
CA GLY A 183 3.89 8.52 -7.65
C GLY A 183 2.97 7.46 -7.10
N THR A 184 3.28 6.21 -7.42
CA THR A 184 2.61 5.02 -6.87
C THR A 184 2.61 5.14 -5.36
N SER A 185 2.40 4.02 -4.66
CA SER A 185 2.56 3.98 -3.20
C SER A 185 1.84 5.16 -2.58
N LEU A 186 2.48 6.32 -2.68
CA LEU A 186 1.87 7.64 -2.51
C LEU A 186 0.40 7.66 -2.93
N ILE A 187 0.10 7.16 -4.12
CA ILE A 187 -1.26 7.24 -4.68
C ILE A 187 -2.28 6.30 -4.03
N ILE A 188 -1.78 5.26 -3.35
CA ILE A 188 -2.65 4.33 -2.64
C ILE A 188 -2.89 4.79 -1.22
N PHE A 189 -1.81 5.27 -0.60
CA PHE A 189 -1.78 5.72 0.78
C PHE A 189 -2.67 6.93 1.04
N ALA A 190 -2.70 7.85 0.09
CA ALA A 190 -3.58 9.03 0.12
C ALA A 190 -5.04 8.63 -0.01
N GLY A 191 -5.29 7.54 -0.73
CA GLY A 191 -6.64 7.02 -0.96
C GLY A 191 -7.26 6.38 0.26
N ILE A 192 -6.42 6.01 1.22
CA ILE A 192 -6.91 5.50 2.50
C ILE A 192 -7.12 6.64 3.46
N VAL A 193 -6.17 7.57 3.51
CA VAL A 193 -6.21 8.68 4.46
C VAL A 193 -7.38 9.64 4.20
N VAL A 194 -7.79 9.76 2.95
CA VAL A 194 -8.94 10.57 2.62
C VAL A 194 -10.26 9.84 2.93
N GLU A 195 -10.15 8.53 3.15
CA GLU A 195 -11.28 7.70 3.60
C GLU A 195 -11.18 7.43 5.13
N TRP A 196 -10.03 7.76 5.72
CA TRP A 196 -9.79 7.71 7.18
C TRP A 196 -10.03 9.11 7.82
N LEU A 197 -10.91 9.91 7.22
CA LEU A 197 -11.00 11.34 7.54
C LEU A 197 -12.32 11.88 8.12
N PRO A 198 -13.38 12.08 7.28
CA PRO A 198 -14.57 12.79 7.80
C PRO A 198 -15.33 12.05 8.91
N GLN A 199 -15.15 10.73 8.96
CA GLN A 199 -15.69 9.91 10.05
C GLN A 199 -15.19 10.47 11.39
N ILE A 200 -13.96 10.99 11.38
CA ILE A 200 -13.37 11.67 12.54
C ILE A 200 -14.23 12.85 12.98
N LEU A 201 -14.61 13.72 12.05
CA LEU A 201 -15.43 14.90 12.39
C LEU A 201 -16.93 14.57 12.36
N ARG A 202 -17.26 13.35 11.93
CA ARG A 202 -18.54 12.79 12.29
C ARG A 202 -18.43 12.59 13.80
N THR A 203 -17.36 11.91 14.23
CA THR A 203 -17.15 11.49 15.61
C THR A 203 -17.21 12.60 16.70
N ILE A 204 -16.69 13.80 16.41
CA ILE A 204 -16.66 14.89 17.41
C ILE A 204 -18.05 15.46 17.73
N GLY A 205 -18.84 15.74 16.70
CA GLY A 205 -20.24 16.14 16.84
C GLY A 205 -21.06 14.96 17.34
N LEU A 206 -20.44 13.79 17.29
CA LEU A 206 -21.02 12.59 17.85
C LEU A 206 -20.60 12.50 19.33
N ILE A 207 -19.31 12.69 19.61
CA ILE A 207 -18.80 12.90 20.99
C ILE A 207 -19.49 14.14 21.55
N ARG A 208 -20.27 14.79 20.68
CA ARG A 208 -21.31 15.71 21.11
C ARG A 208 -22.68 15.04 21.19
N THR A 209 -23.18 14.36 20.17
CA THR A 209 -24.54 13.77 20.28
C THR A 209 -24.72 12.65 21.31
N GLY A 210 -23.61 11.97 21.61
CA GLY A 210 -23.58 10.80 22.45
C GLY A 210 -22.62 9.86 21.75
N GLU A 211 -22.54 10.10 20.45
CA GLU A 211 -21.95 9.17 19.53
C GLU A 211 -20.46 8.93 19.78
N VAL A 212 -20.20 7.69 20.16
CA VAL A 212 -19.00 7.31 20.87
C VAL A 212 -18.58 8.44 21.79
N ASN A 213 -17.29 8.69 21.91
CA ASN A 213 -16.81 9.41 23.06
C ASN A 213 -15.33 9.75 22.98
N LEU A 214 -14.88 10.57 23.92
CA LEU A 214 -13.45 10.91 24.06
C LEU A 214 -12.55 9.70 24.38
N VAL A 215 -12.99 8.82 25.28
CA VAL A 215 -12.17 7.68 25.75
C VAL A 215 -12.15 6.45 24.80
N ALA A 216 -13.22 6.23 24.01
CA ALA A 216 -13.14 5.28 22.90
C ALA A 216 -12.42 5.92 21.74
N PHE A 217 -12.42 7.25 21.74
CA PHE A 217 -11.69 8.02 20.77
C PHE A 217 -10.38 8.51 21.37
N LEU A 218 -10.01 7.91 22.50
CA LEU A 218 -8.67 8.03 23.07
C LEU A 218 -7.94 6.73 22.75
N PHE A 219 -8.56 5.60 23.12
CA PHE A 219 -7.96 4.26 22.95
C PHE A 219 -7.78 3.82 21.48
N PHE A 220 -8.66 4.28 20.60
CA PHE A 220 -8.55 3.98 19.19
C PHE A 220 -7.37 4.70 18.52
N LEU A 221 -7.02 5.87 19.05
CA LEU A 221 -6.02 6.75 18.41
C LEU A 221 -4.66 6.77 19.09
N ALA A 222 -4.62 6.42 20.37
CA ALA A 222 -3.35 6.21 21.07
C ALA A 222 -2.73 4.92 20.54
N PHE A 223 -3.60 4.06 20.03
CA PHE A 223 -3.21 2.88 19.27
C PHE A 223 -2.46 3.32 18.01
N ILE A 224 -3.00 4.35 17.34
CA ILE A 224 -2.38 4.95 16.13
C ILE A 224 -1.00 5.53 16.43
N VAL A 225 -0.78 5.95 17.69
CA VAL A 225 0.50 6.49 18.17
C VAL A 225 1.46 5.36 18.60
N LEU A 226 0.89 4.24 19.06
CA LEU A 226 1.66 3.03 19.31
C LEU A 226 2.09 2.39 17.99
N ALA A 227 1.44 2.82 16.90
CA ALA A 227 1.76 2.36 15.54
C ALA A 227 2.91 3.16 14.91
N PHE A 228 2.95 4.47 15.16
CA PHE A 228 4.05 5.32 14.69
C PHE A 228 5.36 5.03 15.43
N ALA A 229 5.27 4.85 16.76
CA ALA A 229 6.44 4.73 17.65
C ALA A 229 7.01 3.31 17.83
N GLY A 230 6.52 2.35 17.03
CA GLY A 230 7.00 0.97 17.10
C GLY A 230 7.55 0.50 15.76
N MET A 231 6.70 0.58 14.75
CA MET A 231 7.03 0.13 13.40
C MET A 231 8.36 0.69 12.90
N ALA A 232 8.66 1.92 13.31
CA ALA A 232 9.87 2.60 12.88
C ALA A 232 11.13 2.00 13.47
N ALA A 233 11.23 1.97 14.81
CA ALA A 233 12.35 1.34 15.49
C ALA A 233 12.55 -0.04 14.86
N VAL A 234 11.43 -0.70 14.55
CA VAL A 234 11.39 -2.00 13.88
C VAL A 234 11.94 -1.95 12.44
N GLN A 235 11.62 -0.88 11.72
CA GLN A 235 12.13 -0.70 10.35
C GLN A 235 13.62 -0.37 10.37
N GLN A 236 14.09 0.11 11.51
CA GLN A 236 15.49 0.51 11.65
C GLN A 236 16.18 -0.38 12.69
N ALA A 237 15.53 -1.51 12.96
CA ALA A 237 16.10 -2.58 13.76
C ALA A 237 17.10 -3.36 12.90
N GLU A 238 17.85 -4.27 13.54
CA GLU A 238 18.80 -5.16 12.82
C GLU A 238 19.62 -6.07 13.76
N ARG A 239 20.12 -7.19 13.25
CA ARG A 239 21.12 -8.00 13.97
C ARG A 239 22.52 -7.77 13.38
N ARG A 240 23.42 -7.19 14.19
CA ARG A 240 24.81 -6.89 13.79
C ARG A 240 25.75 -8.09 14.11
N ILE A 241 26.61 -8.47 13.14
CA ILE A 241 27.47 -9.67 13.25
C ILE A 241 28.96 -9.35 13.05
N PRO A 242 29.86 -9.99 13.84
CA PRO A 242 31.30 -9.79 13.61
C PRO A 242 31.83 -10.58 12.40
N VAL A 243 32.75 -9.95 11.67
CA VAL A 243 33.52 -10.62 10.61
C VAL A 243 34.96 -10.17 10.77
N GLN A 244 35.83 -10.63 9.89
CA GLN A 244 37.18 -10.05 9.78
C GLN A 244 37.74 -10.21 8.36
N TYR A 245 38.92 -9.63 8.14
CA TYR A 245 39.60 -9.69 6.84
C TYR A 245 41.10 -9.95 7.05
N ALA A 246 41.78 -10.42 6.01
CA ALA A 246 43.20 -10.71 6.08
C ALA A 246 44.00 -10.08 4.93
N ARG A 247 45.33 -10.19 5.01
CA ARG A 247 46.25 -9.63 4.00
C ARG A 247 46.07 -10.25 2.62
N TYR A 255 40.94 -3.00 -5.24
CA TYR A 255 41.39 -3.11 -3.85
C TYR A 255 41.01 -1.92 -2.97
N GLY A 256 39.75 -1.47 -3.02
CA GLY A 256 39.29 -0.38 -2.16
C GLY A 256 38.18 -0.76 -1.19
N GLY A 257 37.12 0.05 -1.18
CA GLY A 257 35.84 -0.32 -0.58
C GLY A 257 35.71 -0.43 0.93
N GLN A 258 34.86 -1.38 1.36
CA GLN A 258 34.36 -1.47 2.74
C GLN A 258 34.92 -2.65 3.54
N ALA A 259 35.09 -2.42 4.84
CA ALA A 259 35.53 -3.45 5.80
C ALA A 259 34.63 -3.47 7.03
N THR A 260 33.66 -2.55 7.06
CA THR A 260 32.78 -2.35 8.20
C THR A 260 31.91 -3.57 8.45
N TYR A 261 31.19 -3.51 9.57
CA TYR A 261 30.26 -4.57 9.95
C TYR A 261 29.03 -4.67 9.03
N ILE A 262 28.39 -5.83 9.03
CA ILE A 262 27.27 -6.13 8.12
C ILE A 262 26.05 -6.70 8.88
N PRO A 263 25.03 -5.84 9.14
CA PRO A 263 23.76 -6.23 9.76
C PRO A 263 22.62 -6.57 8.78
N ILE A 264 21.72 -7.47 9.17
CA ILE A 264 20.49 -7.75 8.39
C ILE A 264 19.24 -7.38 9.18
N LYS A 265 18.34 -6.65 8.53
CA LYS A 265 17.11 -6.17 9.13
C LYS A 265 16.19 -7.31 9.58
N LEU A 266 15.72 -7.22 10.82
CA LEU A 266 14.62 -8.04 11.32
C LEU A 266 13.62 -8.18 10.18
N ASN A 267 13.13 -7.03 9.71
CA ASN A 267 12.35 -6.95 8.51
C ASN A 267 12.92 -5.80 7.69
N ALA A 268 13.29 -6.08 6.44
CA ALA A 268 13.96 -5.10 5.57
C ALA A 268 13.01 -4.18 4.79
N ALA A 269 11.79 -4.67 4.55
CA ALA A 269 10.73 -3.89 3.91
C ALA A 269 9.38 -4.18 4.53
N GLY A 270 8.73 -3.15 5.06
CA GLY A 270 7.42 -3.30 5.65
C GLY A 270 6.31 -3.16 4.62
N VAL A 271 6.68 -2.65 3.43
CA VAL A 271 5.70 -2.27 2.41
C VAL A 271 5.44 -3.37 1.38
N ILE A 272 6.45 -3.71 0.58
CA ILE A 272 6.32 -4.68 -0.52
C ILE A 272 5.54 -5.93 -0.11
N PRO A 273 5.95 -6.57 0.99
CA PRO A 273 5.24 -7.76 1.44
C PRO A 273 3.81 -7.53 1.95
N ILE A 274 3.48 -6.30 2.32
CA ILE A 274 2.13 -6.00 2.82
C ILE A 274 1.18 -5.58 1.69
N ILE A 275 1.76 -5.01 0.64
CA ILE A 275 0.99 -4.56 -0.52
C ILE A 275 0.51 -5.75 -1.37
N PHE A 276 1.47 -6.55 -1.82
CA PHE A 276 1.20 -7.79 -2.54
C PHE A 276 0.23 -8.66 -1.73
N ALA A 277 0.29 -8.51 -0.40
CA ALA A 277 -0.57 -9.26 0.53
C ALA A 277 -2.02 -8.80 0.44
N ALA A 278 -2.21 -7.49 0.37
CA ALA A 278 -3.51 -6.93 0.10
C ALA A 278 -3.98 -7.46 -1.25
N ALA A 279 -3.02 -7.65 -2.17
CA ALA A 279 -3.33 -8.11 -3.53
C ALA A 279 -4.01 -9.48 -3.58
N ILE A 280 -3.31 -10.54 -3.14
CA ILE A 280 -3.88 -11.91 -3.17
C ILE A 280 -5.18 -11.97 -2.36
N LEU A 281 -5.32 -11.00 -1.46
CA LEU A 281 -6.52 -10.88 -0.67
C LEU A 281 -7.70 -10.46 -1.54
N GLN A 282 -7.42 -9.95 -2.75
CA GLN A 282 -8.49 -9.40 -3.60
C GLN A 282 -9.17 -10.39 -4.56
N ILE A 283 -8.41 -10.99 -5.48
CA ILE A 283 -8.97 -11.84 -6.57
C ILE A 283 -10.13 -12.78 -6.17
N PRO A 284 -9.99 -13.53 -5.05
CA PRO A 284 -11.07 -14.44 -4.65
C PRO A 284 -12.34 -13.75 -4.11
N ILE A 285 -12.25 -12.46 -3.78
CA ILE A 285 -13.42 -11.67 -3.37
C ILE A 285 -14.15 -11.05 -4.58
N PHE A 286 -13.39 -10.39 -5.45
CA PHE A 286 -13.95 -9.67 -6.61
C PHE A 286 -14.37 -10.60 -7.76
N LEU A 287 -13.97 -11.88 -7.67
CA LEU A 287 -14.46 -12.94 -8.56
C LEU A 287 -15.84 -13.46 -8.16
N ALA A 288 -16.16 -13.35 -6.88
CA ALA A 288 -17.41 -13.87 -6.33
C ALA A 288 -18.39 -12.78 -5.96
N ALA A 289 -17.90 -11.53 -5.94
CA ALA A 289 -18.66 -10.36 -5.49
C ALA A 289 -19.84 -9.95 -6.38
N PRO A 290 -19.73 -10.12 -7.72
CA PRO A 290 -20.81 -9.68 -8.60
C PRO A 290 -21.91 -10.74 -8.87
N PHE A 291 -22.06 -11.70 -7.95
CA PHE A 291 -23.10 -12.75 -8.02
C PHE A 291 -24.07 -12.72 -6.81
N GLN A 292 -25.00 -11.76 -6.81
CA GLN A 292 -25.91 -11.49 -5.67
C GLN A 292 -26.97 -12.56 -5.45
N ASP A 293 -26.97 -13.61 -6.26
CA ASP A 293 -28.02 -14.63 -6.25
C ASP A 293 -27.59 -16.01 -5.71
N ASN A 294 -26.44 -16.52 -6.18
CA ASN A 294 -25.88 -17.80 -5.68
C ASN A 294 -25.42 -17.59 -4.21
N PRO A 295 -26.00 -18.37 -3.24
CA PRO A 295 -25.70 -18.24 -1.79
C PRO A 295 -24.26 -18.51 -1.32
N VAL A 296 -23.51 -19.36 -2.04
CA VAL A 296 -22.12 -19.72 -1.72
C VAL A 296 -21.13 -18.58 -2.07
N LEU A 297 -21.23 -18.05 -3.30
CA LEU A 297 -20.42 -16.90 -3.76
C LEU A 297 -20.67 -15.67 -2.88
N GLN A 298 -21.87 -15.62 -2.31
CA GLN A 298 -22.23 -14.59 -1.34
C GLN A 298 -21.76 -14.94 0.06
N GLY A 299 -21.24 -16.16 0.21
CA GLY A 299 -20.53 -16.56 1.40
C GLY A 299 -19.06 -16.20 1.27
N ILE A 300 -18.45 -16.64 0.16
CA ILE A 300 -17.02 -16.40 -0.11
C ILE A 300 -16.67 -14.92 -0.24
N ALA A 301 -17.68 -14.06 -0.39
CA ALA A 301 -17.48 -12.61 -0.47
C ALA A 301 -17.60 -11.90 0.89
N ASN A 302 -18.38 -12.47 1.81
CA ASN A 302 -18.60 -11.90 3.15
C ASN A 302 -17.68 -12.46 4.24
N PHE A 303 -17.23 -13.69 4.02
CA PHE A 303 -16.22 -14.38 4.84
C PHE A 303 -14.92 -13.58 4.79
N PHE A 304 -14.26 -13.65 3.63
CA PHE A 304 -12.98 -12.99 3.39
C PHE A 304 -13.02 -11.50 3.68
N ASN A 305 -14.22 -10.91 3.72
CA ASN A 305 -14.42 -9.55 4.18
C ASN A 305 -13.48 -9.35 5.37
N PRO A 306 -12.39 -8.58 5.16
CA PRO A 306 -11.29 -8.51 6.13
C PRO A 306 -11.67 -7.69 7.34
N THR A 307 -12.87 -7.15 7.29
CA THR A 307 -13.45 -6.40 8.38
C THR A 307 -14.37 -7.30 9.21
N ARG A 308 -14.43 -8.58 8.84
CA ARG A 308 -15.13 -9.57 9.62
C ARG A 308 -14.10 -10.60 10.10
N PRO A 309 -14.06 -10.86 11.43
CA PRO A 309 -13.11 -11.69 12.19
C PRO A 309 -12.39 -12.84 11.44
N SER A 310 -13.02 -13.41 10.41
CA SER A 310 -12.43 -14.53 9.65
C SER A 310 -11.59 -14.09 8.46
N GLY A 311 -12.16 -13.23 7.62
CA GLY A 311 -11.41 -12.62 6.54
C GLY A 311 -10.22 -11.90 7.11
N LEU A 312 -10.46 -11.26 8.26
CA LEU A 312 -9.43 -10.65 9.08
C LEU A 312 -8.36 -11.69 9.44
N PHE A 313 -8.79 -12.86 9.92
CA PHE A 313 -7.85 -13.92 10.27
C PHE A 313 -7.04 -14.33 9.04
N ILE A 314 -7.68 -14.29 7.87
CA ILE A 314 -7.00 -14.53 6.60
C ILE A 314 -6.19 -13.31 6.16
N GLU A 315 -6.58 -12.15 6.65
CA GLU A 315 -5.83 -10.91 6.42
C GLU A 315 -4.57 -10.89 7.30
N VAL A 316 -4.68 -11.44 8.50
CA VAL A 316 -3.56 -11.59 9.45
C VAL A 316 -2.51 -12.45 8.77
N LEU A 317 -2.94 -13.67 8.47
CA LEU A 317 -2.20 -14.67 7.73
C LEU A 317 -1.42 -14.08 6.55
N LEU A 318 -2.14 -13.69 5.51
CA LEU A 318 -1.55 -13.28 4.22
C LEU A 318 -0.54 -12.14 4.34
N VAL A 319 -0.77 -11.22 5.28
CA VAL A 319 0.16 -10.13 5.55
C VAL A 319 1.42 -10.63 6.27
N ILE A 320 1.26 -11.66 7.09
CA ILE A 320 2.38 -12.25 7.79
C ILE A 320 3.29 -13.00 6.83
N LEU A 321 2.79 -14.12 6.28
CA LEU A 321 3.61 -15.05 5.49
C LEU A 321 4.09 -14.48 4.15
N PHE A 322 3.43 -13.43 3.66
CA PHE A 322 3.91 -12.75 2.46
C PHE A 322 5.15 -11.92 2.78
N THR A 323 5.18 -11.38 4.00
CA THR A 323 6.38 -10.75 4.53
C THR A 323 7.53 -11.75 4.48
N TYR A 324 7.35 -12.90 5.14
CA TYR A 324 8.37 -13.96 5.22
C TYR A 324 8.89 -14.42 3.85
N VAL A 325 7.99 -14.78 2.95
CA VAL A 325 8.42 -15.41 1.71
C VAL A 325 8.87 -14.39 0.66
N TYR A 326 8.47 -13.13 0.80
CA TYR A 326 9.14 -12.09 0.01
C TYR A 326 10.40 -11.63 0.74
N THR A 327 10.44 -11.88 2.07
CA THR A 327 11.69 -11.84 2.85
C THR A 327 12.43 -13.17 2.59
N ALA A 328 12.04 -13.83 1.50
CA ALA A 328 12.69 -15.05 1.04
C ALA A 328 12.58 -15.26 -0.49
N VAL A 329 12.88 -14.22 -1.28
CA VAL A 329 12.94 -14.33 -2.76
C VAL A 329 14.15 -13.69 -3.44
N GLN A 330 14.28 -12.37 -3.29
CA GLN A 330 15.19 -11.55 -4.10
C GLN A 330 16.68 -11.88 -3.92
N PHE A 331 17.51 -11.35 -4.82
CA PHE A 331 18.92 -11.73 -4.93
C PHE A 331 19.90 -10.94 -4.05
N ASP A 332 19.49 -10.66 -2.80
CA ASP A 332 20.35 -9.91 -1.88
C ASP A 332 21.48 -10.76 -1.28
N PRO A 333 21.15 -11.86 -0.57
CA PRO A 333 22.21 -12.77 -0.09
C PRO A 333 23.25 -13.22 -1.13
N LYS A 334 22.83 -13.48 -2.37
CA LYS A 334 23.76 -13.88 -3.45
C LYS A 334 24.69 -12.73 -3.84
N ARG A 335 24.10 -11.55 -4.06
CA ARG A 335 24.86 -10.33 -4.28
C ARG A 335 25.88 -10.19 -3.15
N ILE A 336 25.39 -10.30 -1.92
CA ILE A 336 26.20 -10.17 -0.73
C ILE A 336 27.36 -11.18 -0.72
N ALA A 337 27.04 -12.45 -0.88
CA ALA A 337 28.04 -13.52 -0.81
C ALA A 337 29.22 -13.35 -1.78
N GLU A 338 29.00 -12.68 -2.91
CA GLU A 338 30.05 -12.51 -3.94
C GLU A 338 31.03 -11.36 -3.64
N SER A 339 30.55 -10.28 -3.05
CA SER A 339 31.45 -9.17 -2.70
C SER A 339 32.20 -9.44 -1.40
N LEU A 340 31.79 -10.49 -0.70
CA LEU A 340 32.50 -11.04 0.45
C LEU A 340 33.45 -12.12 -0.05
N ARG A 341 33.56 -12.22 -1.38
CA ARG A 341 34.32 -13.28 -2.06
C ARG A 341 35.49 -12.81 -2.93
N GLU A 342 35.29 -11.79 -3.76
CA GLU A 342 36.35 -11.27 -4.63
C GLU A 342 37.35 -10.42 -3.84
N TYR A 343 37.00 -10.08 -2.60
CA TYR A 343 37.75 -9.05 -1.86
C TYR A 343 38.31 -9.42 -0.46
N GLY A 344 38.10 -10.66 -0.02
CA GLY A 344 38.85 -11.25 1.10
C GLY A 344 38.20 -11.42 2.47
N GLY A 345 36.87 -11.43 2.53
CA GLY A 345 36.15 -11.42 3.80
C GLY A 345 35.55 -12.73 4.26
N PHE A 346 35.16 -12.78 5.55
CA PHE A 346 34.75 -14.03 6.22
C PHE A 346 34.09 -13.87 7.62
N ILE A 347 33.26 -14.85 7.99
CA ILE A 347 32.56 -14.90 9.29
C ILE A 347 33.31 -15.85 10.25
N PRO A 348 33.45 -15.46 11.55
CA PRO A 348 34.12 -16.25 12.61
C PRO A 348 33.67 -17.70 12.82
N GLY A 349 34.56 -18.65 12.53
CA GLY A 349 34.31 -20.10 12.70
C GLY A 349 33.54 -20.74 11.55
N ILE A 350 32.96 -19.89 10.70
CA ILE A 350 32.03 -20.25 9.62
C ILE A 350 32.75 -20.54 8.30
N ARG A 351 32.38 -21.65 7.66
CA ARG A 351 32.95 -22.07 6.37
C ARG A 351 32.15 -21.52 5.16
N PRO A 352 32.77 -21.45 3.94
CA PRO A 352 32.00 -21.17 2.71
C PRO A 352 31.50 -22.41 1.96
N GLY A 353 30.26 -22.35 1.45
CA GLY A 353 29.68 -23.47 0.68
C GLY A 353 28.29 -23.89 1.15
N GLU A 354 28.26 -24.84 2.09
CA GLU A 354 27.02 -25.33 2.73
C GLU A 354 26.74 -24.77 4.15
N PRO A 355 27.78 -24.69 5.02
CA PRO A 355 27.54 -24.06 6.33
C PRO A 355 27.59 -22.52 6.28
N THR A 356 27.48 -21.96 5.07
CA THR A 356 27.11 -20.57 4.89
C THR A 356 25.64 -20.54 4.45
N VAL A 357 25.14 -21.68 3.98
CA VAL A 357 23.73 -21.88 3.63
C VAL A 357 22.87 -22.03 4.89
N LYS A 358 23.20 -23.02 5.73
CA LYS A 358 22.44 -23.36 6.96
C LYS A 358 22.70 -22.44 8.17
N PHE A 359 23.72 -21.57 8.09
CA PHE A 359 23.98 -20.54 9.11
C PHE A 359 23.15 -19.31 8.78
N LEU A 360 22.71 -19.23 7.52
CA LEU A 360 21.77 -18.22 7.06
C LEU A 360 20.32 -18.74 7.11
N GLU A 361 20.15 -20.01 6.78
CA GLU A 361 18.84 -20.69 6.81
C GLU A 361 18.24 -20.70 8.23
N HIS A 362 19.11 -20.48 9.22
CA HIS A 362 18.76 -20.41 10.65
C HIS A 362 18.21 -19.01 10.99
N ILE A 363 18.73 -17.97 10.34
CA ILE A 363 18.44 -16.57 10.72
C ILE A 363 17.12 -15.98 10.19
N VAL A 364 16.85 -16.13 8.89
CA VAL A 364 15.55 -15.69 8.34
C VAL A 364 14.45 -16.71 8.73
N SER A 365 14.83 -17.66 9.59
CA SER A 365 13.89 -18.54 10.28
C SER A 365 13.82 -18.17 11.78
N ARG A 366 14.54 -17.12 12.15
CA ARG A 366 14.60 -16.61 13.51
C ARG A 366 14.09 -15.16 13.62
N LEU A 367 14.20 -14.42 12.51
CA LEU A 367 13.81 -12.99 12.46
C LEU A 367 12.37 -12.77 12.01
N THR A 368 12.04 -13.28 10.83
CA THR A 368 10.69 -13.15 10.27
C THR A 368 9.76 -14.18 10.93
N LEU A 369 9.88 -14.28 12.26
CA LEU A 369 8.99 -15.06 13.12
C LEU A 369 8.35 -14.07 14.09
N TRP A 370 9.16 -13.49 14.97
CA TRP A 370 8.71 -12.39 15.84
C TRP A 370 8.27 -11.24 14.94
N GLY A 371 8.98 -11.09 13.83
CA GLY A 371 8.74 -10.02 12.87
C GLY A 371 7.32 -9.96 12.35
N ALA A 372 7.06 -10.64 11.24
CA ALA A 372 5.75 -10.58 10.59
C ALA A 372 4.59 -11.00 11.48
N LEU A 373 4.91 -11.62 12.63
CA LEU A 373 3.94 -11.82 13.70
C LEU A 373 3.34 -10.47 13.98
N PHE A 374 4.24 -9.52 14.28
CA PHE A 374 3.91 -8.12 14.46
C PHE A 374 2.95 -7.68 13.38
N LEU A 375 3.35 -7.87 12.12
CA LEU A 375 2.53 -7.51 10.97
C LEU A 375 1.18 -8.24 10.91
N GLY A 376 1.14 -9.46 11.42
CA GLY A 376 -0.13 -10.20 11.54
C GLY A 376 -1.03 -9.64 12.61
N LEU A 377 -0.48 -9.45 13.81
CA LEU A 377 -1.17 -8.79 14.92
C LEU A 377 -1.50 -7.36 14.53
N VAL A 378 -0.63 -6.80 13.69
CA VAL A 378 -0.82 -5.49 13.06
C VAL A 378 -2.08 -5.47 12.19
N THR A 379 -2.46 -6.64 11.69
CA THR A 379 -3.62 -6.74 10.80
C THR A 379 -4.96 -7.09 11.51
N LEU A 380 -4.88 -7.65 12.73
CA LEU A 380 -6.03 -8.27 13.42
C LEU A 380 -6.91 -7.31 14.24
N LEU A 381 -6.26 -6.49 15.06
CA LEU A 381 -6.91 -5.84 16.20
C LEU A 381 -7.79 -4.62 15.97
N PRO A 382 -7.56 -3.85 14.88
CA PRO A 382 -8.49 -2.74 14.64
C PRO A 382 -9.91 -3.20 14.36
N GLN A 383 -10.06 -4.46 13.91
CA GLN A 383 -11.37 -5.11 13.77
C GLN A 383 -11.87 -5.56 15.13
N ILE A 384 -10.95 -5.96 16.00
CA ILE A 384 -11.29 -6.22 17.39
C ILE A 384 -11.60 -4.87 18.03
N ILE A 385 -10.81 -3.85 17.68
CA ILE A 385 -11.16 -2.46 17.97
C ILE A 385 -12.54 -2.17 17.40
N GLN A 386 -12.75 -2.57 16.14
CA GLN A 386 -14.07 -2.46 15.50
C GLN A 386 -15.03 -3.57 15.94
N ASN A 387 -14.59 -4.37 16.92
CA ASN A 387 -15.47 -5.23 17.70
C ASN A 387 -15.53 -4.70 19.14
N LEU A 388 -14.76 -3.63 19.43
CA LEU A 388 -14.61 -3.06 20.79
C LEU A 388 -15.04 -1.60 21.01
N THR A 389 -14.81 -0.73 20.03
CA THR A 389 -14.94 0.73 20.22
C THR A 389 -16.26 1.37 19.76
N GLY A 390 -16.16 2.21 18.72
CA GLY A 390 -17.23 3.09 18.26
C GLY A 390 -17.34 3.39 16.76
N ILE A 391 -16.56 2.69 15.95
CA ILE A 391 -16.59 2.86 14.50
C ILE A 391 -16.31 1.55 13.76
N HIS A 392 -17.07 1.28 12.71
CA HIS A 392 -16.79 0.16 11.84
C HIS A 392 -16.93 0.56 10.38
N SER A 393 -15.80 0.94 9.80
CA SER A 393 -15.74 1.18 8.39
C SER A 393 -14.49 0.54 7.82
N ILE A 394 -14.70 -0.11 6.67
CA ILE A 394 -13.67 -0.80 5.87
C ILE A 394 -12.30 -0.10 5.78
N ALA A 395 -12.32 1.22 5.97
CA ALA A 395 -11.10 2.02 6.07
C ALA A 395 -10.24 1.55 7.23
N PHE A 396 -10.82 1.59 8.42
CA PHE A 396 -10.13 1.25 9.65
C PHE A 396 -10.06 -0.25 9.85
N SER A 397 -10.09 -0.99 8.73
CA SER A 397 -9.83 -2.43 8.75
C SER A 397 -8.37 -2.69 9.10
N GLY A 398 -7.66 -1.61 9.44
CA GLY A 398 -6.29 -1.68 9.90
C GLY A 398 -5.27 -1.73 8.78
N ILE A 399 -5.76 -1.78 7.54
CA ILE A 399 -4.90 -1.85 6.37
C ILE A 399 -4.43 -0.47 5.92
N GLY A 400 -5.26 0.54 6.16
CA GLY A 400 -5.03 1.88 5.65
C GLY A 400 -4.31 2.83 6.58
N LEU A 401 -3.86 2.30 7.71
CA LEU A 401 -3.00 3.04 8.62
C LEU A 401 -1.57 2.51 8.52
N LEU A 402 -1.46 1.19 8.33
CA LEU A 402 -0.17 0.51 8.09
C LEU A 402 0.74 1.35 7.24
N ILE A 403 0.13 2.10 6.34
CA ILE A 403 0.83 2.85 5.33
C ILE A 403 0.76 4.35 5.65
N VAL A 404 -0.31 4.77 6.33
CA VAL A 404 -0.33 6.08 6.99
C VAL A 404 1.04 6.19 7.64
N VAL A 405 1.37 5.18 8.42
CA VAL A 405 2.71 4.99 8.94
C VAL A 405 3.70 4.88 7.77
N GLY A 406 3.66 3.74 7.09
CA GLY A 406 4.67 3.34 6.09
C GLY A 406 5.18 4.39 5.14
N VAL A 407 4.27 5.02 4.39
CA VAL A 407 4.63 6.02 3.38
C VAL A 407 5.42 7.15 4.02
N ALA A 408 4.85 7.76 5.06
CA ALA A 408 5.51 8.81 5.81
C ALA A 408 6.95 8.44 6.10
N LEU A 409 7.11 7.22 6.62
CA LEU A 409 8.39 6.65 7.05
C LEU A 409 9.41 6.57 5.91
N ASP A 410 9.14 5.71 4.92
CA ASP A 410 10.09 5.43 3.86
C ASP A 410 10.46 6.72 3.11
N THR A 411 9.56 7.70 3.14
CA THR A 411 9.83 9.01 2.58
C THR A 411 10.94 9.68 3.36
N LEU A 412 10.72 9.87 4.66
CA LEU A 412 11.72 10.42 5.56
C LEU A 412 12.79 9.36 5.85
N ARG A 413 12.83 8.34 4.99
CA ARG A 413 13.81 7.28 5.06
C ARG A 413 14.59 7.18 3.74
N GLN A 414 14.06 7.82 2.69
CA GLN A 414 14.76 7.87 1.39
C GLN A 414 15.16 9.31 1.00
N VAL A 415 14.45 10.29 1.57
CA VAL A 415 14.83 11.70 1.47
C VAL A 415 16.19 11.90 2.16
N GLU A 416 16.30 11.34 3.37
CA GLU A 416 17.56 11.28 4.10
C GLU A 416 18.62 10.56 3.25
N SER A 417 18.20 9.48 2.60
CA SER A 417 19.07 8.68 1.70
C SER A 417 19.38 9.44 0.41
N GLN A 418 18.57 10.44 0.08
CA GLN A 418 18.82 11.32 -1.06
C GLN A 418 19.82 12.42 -0.70
N LEU A 419 19.74 12.88 0.55
CA LEU A 419 20.62 13.94 1.04
C LEU A 419 22.02 13.41 1.33
N MET A 420 22.09 12.14 1.74
CA MET A 420 23.36 11.45 1.99
C MET A 420 24.05 10.99 0.69
N LEU A 421 23.95 11.81 -0.36
CA LEU A 421 24.51 11.48 -1.67
C LEU A 421 25.14 12.70 -2.39
N ARG A 422 24.86 13.91 -1.90
CA ARG A 422 25.40 15.16 -2.46
C ARG A 422 26.45 15.78 -1.55
N ALA B 12 15.26 -22.85 16.25
CA ALA B 12 14.65 -21.65 15.55
C ALA B 12 13.93 -20.72 16.54
N ARG B 13 14.69 -19.80 17.15
CA ARG B 13 14.18 -18.92 18.22
C ARG B 13 15.12 -17.73 18.55
N ALA B 14 15.37 -16.87 17.55
CA ALA B 14 16.39 -15.82 17.61
C ALA B 14 16.56 -15.12 18.94
N GLU B 15 17.82 -15.05 19.36
CA GLU B 15 18.21 -14.18 20.46
C GLU B 15 18.69 -12.85 19.89
N LEU B 16 18.15 -11.76 20.43
CA LEU B 16 18.56 -10.42 20.04
C LEU B 16 19.95 -10.13 20.61
N ALA B 17 20.89 -11.01 20.27
CA ALA B 17 22.20 -11.09 20.89
C ALA B 17 23.15 -10.04 20.35
N ARG B 18 24.05 -10.45 19.47
CA ARG B 18 24.94 -9.51 18.82
C ARG B 18 24.13 -8.50 18.01
N VAL B 19 22.82 -8.73 17.97
CA VAL B 19 21.81 -7.82 17.42
C VAL B 19 21.97 -6.38 17.98
N THR B 20 21.86 -5.37 17.10
CA THR B 20 21.95 -3.96 17.51
C THR B 20 21.18 -3.03 16.55
N TRP B 21 20.73 -1.89 17.06
CA TRP B 21 19.99 -0.91 16.26
C TRP B 21 20.72 0.41 16.37
N PRO B 22 21.19 0.97 15.24
CA PRO B 22 21.76 2.32 15.30
C PRO B 22 20.68 3.28 15.80
N THR B 23 19.48 2.72 16.02
CA THR B 23 18.27 3.47 16.35
C THR B 23 17.54 2.95 17.60
N ARG B 24 17.53 3.77 18.66
CA ARG B 24 16.73 3.52 19.88
C ARG B 24 16.30 4.76 20.67
N GLU B 25 16.96 5.91 20.45
CA GLU B 25 16.55 7.17 21.08
C GLU B 25 15.68 8.03 20.16
N GLN B 26 15.94 7.96 18.84
CA GLN B 26 15.24 8.77 17.81
C GLN B 26 13.72 8.53 17.75
N VAL B 27 13.22 7.67 18.64
CA VAL B 27 11.81 7.29 18.70
C VAL B 27 10.84 8.47 18.45
N VAL B 28 10.76 9.39 19.41
CA VAL B 28 9.86 10.56 19.36
C VAL B 28 10.06 11.32 18.06
N GLU B 29 11.28 11.81 17.90
CA GLU B 29 11.71 12.55 16.74
C GLU B 29 11.30 11.86 15.43
N GLY B 30 11.50 10.54 15.37
CA GLY B 30 11.11 9.73 14.22
C GLY B 30 9.61 9.52 14.12
N THR B 31 8.97 9.30 15.27
CA THR B 31 7.52 9.16 15.39
C THR B 31 6.83 10.45 14.98
N GLN B 32 7.37 11.58 15.46
CA GLN B 32 6.80 12.91 15.21
C GLN B 32 7.00 13.39 13.77
N ALA B 33 7.52 12.50 12.94
CA ALA B 33 7.70 12.73 11.51
C ALA B 33 6.81 11.78 10.70
N ILE B 34 6.53 10.62 11.29
CA ILE B 34 5.51 9.72 10.78
C ILE B 34 4.13 10.26 11.19
N LEU B 35 4.14 11.36 11.95
CA LEU B 35 2.93 12.07 12.39
C LEU B 35 2.61 13.33 11.57
N LEU B 36 3.57 14.25 11.47
CA LEU B 36 3.35 15.51 10.74
C LEU B 36 3.47 15.33 9.21
N PHE B 37 3.81 14.12 8.78
CA PHE B 37 3.78 13.74 7.37
C PHE B 37 2.34 13.43 6.96
N THR B 38 1.64 12.74 7.85
CA THR B 38 0.28 12.25 7.62
C THR B 38 -0.79 13.22 8.15
N LEU B 39 -0.40 14.06 9.10
CA LEU B 39 -1.18 15.25 9.50
C LEU B 39 -0.87 16.42 8.55
N ALA B 40 -0.42 16.09 7.34
CA ALA B 40 -0.18 17.04 6.25
C ALA B 40 -0.48 16.42 4.89
N PHE B 41 -1.28 15.35 4.88
CA PHE B 41 -1.70 14.71 3.64
C PHE B 41 -3.22 14.79 3.43
N MET B 42 -4.00 14.33 4.41
CA MET B 42 -5.47 14.40 4.36
C MET B 42 -5.94 15.84 4.19
N VAL B 43 -5.32 16.76 4.93
CA VAL B 43 -5.60 18.19 4.84
C VAL B 43 -5.20 18.68 3.46
N ILE B 44 -4.04 18.23 2.99
CA ILE B 44 -3.62 18.48 1.62
C ILE B 44 -4.63 17.85 0.65
N LEU B 45 -5.10 16.63 0.96
CA LEU B 45 -6.19 16.00 0.20
C LEU B 45 -7.51 16.75 0.36
N GLY B 46 -7.75 17.24 1.57
CA GLY B 46 -8.98 17.97 1.89
C GLY B 46 -9.00 19.40 1.40
N LEU B 47 -7.84 19.93 1.01
CA LEU B 47 -7.74 21.25 0.42
C LEU B 47 -8.22 21.20 -1.03
N TYR B 48 -8.29 19.99 -1.57
CA TYR B 48 -8.65 19.78 -2.95
C TYR B 48 -10.17 19.82 -3.15
N ASP B 49 -10.88 18.90 -2.49
CA ASP B 49 -12.36 18.83 -2.55
C ASP B 49 -13.03 20.15 -2.19
N THR B 50 -12.45 20.86 -1.23
CA THR B 50 -12.92 22.16 -0.77
C THR B 50 -12.76 23.22 -1.87
N VAL B 51 -11.65 23.14 -2.59
CA VAL B 51 -11.39 24.05 -3.70
C VAL B 51 -12.13 23.60 -4.99
N PHE B 52 -12.36 22.28 -5.15
CA PHE B 52 -13.22 21.78 -6.24
C PHE B 52 -14.70 21.96 -5.85
N ARG B 53 -14.94 22.90 -4.95
CA ARG B 53 -16.25 23.18 -4.36
C ARG B 53 -16.56 24.70 -4.42
N PHE B 54 -15.53 25.54 -4.50
CA PHE B 54 -15.68 27.00 -4.62
C PHE B 54 -16.15 27.46 -6.01
N LEU B 55 -15.46 27.00 -7.06
CA LEU B 55 -15.77 27.40 -8.43
C LEU B 55 -17.16 26.95 -8.87
N ILE B 56 -17.48 25.67 -8.69
CA ILE B 56 -18.78 25.13 -9.09
C ILE B 56 -19.96 25.88 -8.44
N GLY B 57 -19.82 26.17 -7.14
CA GLY B 57 -20.85 26.90 -6.40
C GLY B 57 -20.92 28.36 -6.78
#